data_8KEB
#
_entry.id   8KEB
#
_cell.length_a   139.516
_cell.length_b   26.834
_cell.length_c   65.227
_cell.angle_alpha   90.000
_cell.angle_beta   112.710
_cell.angle_gamma   90.000
#
_symmetry.space_group_name_H-M   'C 1 2 1'
#
loop_
_entity.id
_entity.type
_entity.pdbx_description
1 polymer 'RNA (72-MER)'
2 non-polymer "GUANOSINE-5'-TRIPHOSPHATE"
3 non-polymer "2'-DEOXY-GUANOSINE"
4 non-polymer 'MAGNESIUM ION'
5 non-polymer 'SODIUM ION'
6 water water
#
_entity_poly.entity_id   1
_entity_poly.type   'polyribonucleotide'
_entity_poly.pdbx_seq_one_letter_code
;GGAUUCGUAUAUCCUUAAUGAUAUGGUUUAAGGGCAAUACAUAGAGACCACAAAUUUCUUACUGCGAAUUCU
;
_entity_poly.pdbx_strand_id   A
#
loop_
_chem_comp.id
_chem_comp.type
_chem_comp.name
_chem_comp.formula
A RNA linking ADENOSINE-5'-MONOPHOSPHATE 'C10 H14 N5 O7 P'
C RNA linking CYTIDINE-5'-MONOPHOSPHATE 'C9 H14 N3 O8 P'
G RNA linking GUANOSINE-5'-MONOPHOSPHATE 'C10 H14 N5 O8 P'
GNG non-polymer 2'-DEOXY-GUANOSINE 'C10 H13 N5 O4'
GTP non-polymer GUANOSINE-5'-TRIPHOSPHATE 'C10 H16 N5 O14 P3'
MG non-polymer 'MAGNESIUM ION' 'Mg 2'
NA non-polymer 'SODIUM ION' 'Na 1'
U RNA linking URIDINE-5'-MONOPHOSPHATE 'C9 H13 N2 O9 P'
#
# COMPACT_ATOMS: atom_id res chain seq x y z
PG GTP B . -7.66 -3.26 -1.13
O1G GTP B . -6.30 -2.63 -1.27
O2G GTP B . -7.65 -4.30 -0.02
O3G GTP B . -8.02 -3.93 -2.43
O3B GTP B . -8.73 -2.09 -0.83
PB GTP B . -8.63 -1.22 0.53
O1B GTP B . -10.01 -0.93 1.06
O2B GTP B . -7.85 0.06 0.29
O3A GTP B . -7.92 -2.19 1.57
PA GTP B . -6.34 -2.11 1.86
O1A GTP B . -5.74 -1.09 0.89
O2A GTP B . -5.70 -3.47 1.75
O5' GTP B . -6.23 -1.52 3.35
C5' GTP B . -6.83 -0.30 3.73
C4' GTP B . -6.82 -0.26 5.25
O4' GTP B . -7.56 -1.38 5.71
C3' GTP B . -5.44 -0.46 5.85
O3' GTP B . -4.64 0.70 5.96
C2' GTP B . -5.74 -1.12 7.19
O2' GTP B . -6.06 -0.20 8.21
C1' GTP B . -7.01 -1.89 6.91
N9 GTP B . -6.69 -3.32 6.78
C8 GTP B . -6.97 -4.14 5.71
N7 GTP B . -6.54 -5.40 6.03
C5 GTP B . -6.01 -5.39 7.27
C6 GTP B . -5.44 -6.39 8.07
O6 GTP B . -5.35 -7.55 7.65
N1 GTP B . -4.99 -6.05 9.33
C2 GTP B . -5.11 -4.74 9.78
N2 GTP B . -4.67 -4.37 11.00
N3 GTP B . -5.65 -3.77 8.98
C4 GTP B . -6.10 -4.08 7.75
O5' GNG C . 7.92 3.28 -10.09
C5' GNG C . 6.91 4.08 -9.46
C4' GNG C . 7.33 5.53 -9.38
O4' GNG C . 8.40 5.70 -8.18
C1' GNG C . 9.56 6.13 -8.68
N9 GNG C . 10.59 5.19 -8.24
C8 GNG C . 11.24 4.20 -8.84
N7 GNG C . 12.06 3.64 -7.92
C5 GNG C . 11.92 4.30 -6.78
C4 GNG C . 10.98 5.26 -6.97
N3 GNG C . 10.57 6.15 -5.87
C2 GNG C . 11.19 5.98 -4.54
N1 GNG C . 12.17 4.99 -4.34
C6 GNG C . 12.56 4.11 -5.39
O6 GNG C . 13.34 3.28 -5.20
N2 GNG C . 10.80 6.84 -3.45
C2' GNG C . 9.43 6.02 -10.23
C3' GNG C . 7.90 6.02 -10.49
O3' GNG C . 7.54 7.46 -10.69
MG MG D . 6.30 -2.12 2.29
MG MG E . 15.01 1.21 -5.58
NA NA F . -3.31 -8.49 5.26
#